data_4POI
#
_entry.id   4POI
#
_cell.length_a   104.881
_cell.length_b   104.881
_cell.length_c   56.070
_cell.angle_alpha   90.000
_cell.angle_beta   90.000
_cell.angle_gamma   90.000
#
_symmetry.space_group_name_H-M   'P 42 21 2'
#
loop_
_entity.id
_entity.type
_entity.pdbx_description
1 polymer 'Putative periplasmic protein'
2 water water
#
_entity_poly.entity_id   1
_entity_poly.type   'polypeptide(L)'
_entity_poly.pdbx_seq_one_letter_code
;GADVITKD(MSE)NQLPLPARNFINRHFTKPEVSHIKIDKE(MSE)LEATKYEVLLTDGTEIEFDSKGNWEEVSARKGQV
IPASIVPNFAVDYLKAHNFAAEGVTKVERDRKGYEVELSTGVSFKFDKKGKFVKADD
;
_entity_poly.pdbx_strand_id   A,B
#
# COMPACT_ATOMS: atom_id res chain seq x y z
N GLN A 11 13.85 -9.78 6.22
CA GLN A 11 12.88 -8.66 6.37
C GLN A 11 11.78 -8.83 5.34
N LEU A 12 10.56 -8.67 5.80
CA LEU A 12 9.38 -8.76 4.95
C LEU A 12 9.39 -7.55 4.02
N PRO A 13 9.20 -7.74 2.71
CA PRO A 13 9.24 -6.59 1.79
C PRO A 13 8.21 -5.51 2.14
N LEU A 14 8.53 -4.25 1.81
CA LEU A 14 7.71 -3.09 2.16
C LEU A 14 6.29 -3.24 1.77
N PRO A 15 6.05 -3.67 0.52
CA PRO A 15 4.67 -3.71 0.05
C PRO A 15 3.81 -4.66 0.85
N ALA A 16 4.42 -5.68 1.46
CA ALA A 16 3.69 -6.69 2.24
C ALA A 16 3.35 -6.14 3.61
N ARG A 17 4.30 -5.47 4.24
CA ARG A 17 4.01 -4.79 5.51
C ARG A 17 2.94 -3.72 5.32
N ASN A 18 3.03 -2.96 4.22
CA ASN A 18 1.97 -1.97 3.91
C ASN A 18 0.61 -2.60 3.73
N PHE A 19 0.58 -3.78 3.09
CA PHE A 19 -0.68 -4.49 2.85
C PHE A 19 -1.30 -4.90 4.18
N ILE A 20 -0.50 -5.52 5.02
CA ILE A 20 -0.93 -5.93 6.35
C ILE A 20 -1.44 -4.72 7.16
N ASN A 21 -0.65 -3.66 7.18
CA ASN A 21 -1.00 -2.46 7.93
C ASN A 21 -2.19 -1.66 7.36
N ARG A 22 -2.43 -1.80 6.07
CA ARG A 22 -3.57 -1.14 5.43
C ARG A 22 -4.91 -1.83 5.73
N HIS A 23 -4.95 -3.16 5.70
CA HIS A 23 -6.20 -3.92 5.68
C HIS A 23 -6.61 -4.52 7.04
N PHE A 24 -5.67 -4.72 7.96
CA PHE A 24 -5.99 -5.41 9.21
C PHE A 24 -5.99 -4.48 10.41
N THR A 25 -6.93 -4.72 11.32
CA THR A 25 -7.04 -3.93 12.54
C THR A 25 -6.00 -4.44 13.60
N LYS A 26 -5.16 -3.51 14.08
CA LYS A 26 -4.08 -3.79 15.05
C LYS A 26 -3.27 -5.08 14.72
N PRO A 27 -2.74 -5.15 13.49
CA PRO A 27 -2.08 -6.37 13.03
C PRO A 27 -0.80 -6.64 13.81
N GLU A 28 -0.65 -7.88 14.25
CA GLU A 28 0.58 -8.31 14.89
C GLU A 28 1.02 -9.63 14.25
N VAL A 29 2.31 -9.70 13.90
CA VAL A 29 2.88 -10.89 13.26
C VAL A 29 3.22 -11.98 14.26
N SER A 30 2.66 -13.17 14.10
CA SER A 30 3.00 -14.32 14.96
C SER A 30 4.18 -15.09 14.36
N HIS A 31 4.17 -15.31 13.04
CA HIS A 31 5.33 -15.89 12.35
C HIS A 31 5.46 -15.49 10.92
N ILE A 32 6.68 -15.60 10.44
CA ILE A 32 7.01 -15.41 9.05
C ILE A 32 7.90 -16.59 8.62
N LYS A 33 7.50 -17.31 7.56
CA LYS A 33 8.29 -18.38 6.98
C LYS A 33 8.78 -17.97 5.58
N ILE A 34 10.08 -17.91 5.38
CA ILE A 34 10.63 -17.54 4.08
C ILE A 34 11.08 -18.83 3.40
N ASP A 35 10.53 -19.06 2.20
CA ASP A 35 10.85 -20.24 1.39
CA ASP A 35 10.84 -20.23 1.36
C ASP A 35 11.70 -19.78 0.21
N LYS A 36 12.97 -20.18 0.22
CA LYS A 36 13.91 -19.90 -0.85
C LYS A 36 14.27 -21.15 -1.62
N GLU A 37 14.08 -21.10 -2.93
CA GLU A 37 14.34 -22.24 -3.80
C GLU A 37 15.34 -21.84 -4.84
N LEU A 39 16.33 -22.06 -8.11
CA LEU A 39 16.13 -21.33 -9.38
C LEU A 39 14.72 -20.73 -9.44
N GLU A 40 14.10 -20.56 -8.28
CA GLU A 40 12.81 -19.92 -8.19
C GLU A 40 12.85 -18.59 -7.39
N ALA A 41 11.69 -17.95 -7.29
CA ALA A 41 11.55 -16.68 -6.61
C ALA A 41 11.18 -16.95 -5.14
N THR A 42 11.78 -16.23 -4.21
CA THR A 42 11.44 -16.32 -2.80
C THR A 42 9.92 -16.09 -2.52
N LYS A 43 9.36 -16.89 -1.62
CA LYS A 43 7.97 -16.74 -1.14
C LYS A 43 7.95 -16.47 0.39
N TYR A 44 6.93 -15.75 0.85
CA TYR A 44 6.76 -15.47 2.28
C TYR A 44 5.40 -15.93 2.72
N GLU A 45 5.36 -16.65 3.83
CA GLU A 45 4.11 -16.99 4.50
C GLU A 45 4.09 -16.27 5.84
N VAL A 46 3.01 -15.52 6.09
CA VAL A 46 2.84 -14.79 7.33
C VAL A 46 1.60 -15.24 8.07
N LEU A 47 1.75 -15.55 9.36
CA LEU A 47 0.62 -15.83 10.24
C LEU A 47 0.52 -14.68 11.21
N LEU A 48 -0.63 -14.01 11.24
CA LEU A 48 -0.90 -12.95 12.20
C LEU A 48 -1.48 -13.53 13.47
N THR A 49 -1.40 -12.78 14.57
CA THR A 49 -1.92 -13.22 15.86
C THR A 49 -3.45 -13.50 15.82
N ASP A 50 -4.19 -12.82 14.95
CA ASP A 50 -5.63 -13.10 14.81
C ASP A 50 -5.92 -14.37 13.97
N GLY A 51 -4.87 -15.09 13.57
CA GLY A 51 -5.04 -16.34 12.83
C GLY A 51 -5.08 -16.19 11.31
N THR A 52 -4.97 -14.97 10.79
CA THR A 52 -4.91 -14.77 9.36
C THR A 52 -3.56 -15.24 8.79
N GLU A 53 -3.62 -15.98 7.69
CA GLU A 53 -2.44 -16.43 7.02
C GLU A 53 -2.39 -15.71 5.70
N ILE A 54 -1.22 -15.20 5.34
CA ILE A 54 -1.03 -14.54 4.06
C ILE A 54 0.20 -15.06 3.38
N GLU A 55 0.09 -15.31 2.08
CA GLU A 55 1.23 -15.69 1.23
C GLU A 55 1.55 -14.49 0.35
N PHE A 56 2.82 -14.16 0.26
CA PHE A 56 3.31 -13.07 -0.60
C PHE A 56 4.39 -13.58 -1.56
N ASP A 57 4.47 -12.99 -2.74
CA ASP A 57 5.61 -13.24 -3.63
C ASP A 57 6.83 -12.43 -3.18
N SER A 58 7.93 -12.56 -3.93
CA SER A 58 9.23 -11.95 -3.57
C SER A 58 9.24 -10.44 -3.50
N LYS A 59 8.30 -9.82 -4.21
CA LYS A 59 8.15 -8.38 -4.23
C LYS A 59 7.25 -7.90 -3.11
N GLY A 60 6.54 -8.83 -2.46
CA GLY A 60 5.61 -8.48 -1.41
C GLY A 60 4.17 -8.27 -1.87
N ASN A 61 3.82 -8.78 -3.07
CA ASN A 61 2.43 -8.81 -3.52
C ASN A 61 1.70 -10.01 -2.99
N TRP A 62 0.54 -9.80 -2.39
CA TRP A 62 -0.17 -10.90 -1.84
C TRP A 62 -0.64 -11.84 -2.97
N GLU A 63 -0.62 -13.13 -2.67
CA GLU A 63 -1.10 -14.19 -3.56
C GLU A 63 -2.27 -14.93 -2.91
N GLU A 64 -2.30 -14.97 -1.60
CA GLU A 64 -3.38 -15.62 -0.89
C GLU A 64 -3.56 -15.02 0.50
N VAL A 65 -4.82 -14.88 0.90
CA VAL A 65 -5.19 -14.43 2.21
C VAL A 65 -6.25 -15.39 2.70
N SER A 66 -6.04 -16.01 3.87
CA SER A 66 -7.04 -16.87 4.42
C SER A 66 -7.26 -16.61 5.91
N ALA A 67 -8.52 -16.54 6.31
CA ALA A 67 -8.88 -16.28 7.69
C ALA A 67 -8.91 -17.57 8.44
N ARG A 68 -8.68 -17.48 9.74
CA ARG A 68 -8.88 -18.61 10.66
C ARG A 68 -10.32 -19.05 10.59
N LYS A 69 -10.56 -20.34 10.79
CA LYS A 69 -11.91 -20.85 10.91
C LYS A 69 -12.77 -19.96 11.79
N GLY A 70 -13.98 -19.69 11.32
CA GLY A 70 -14.94 -18.88 12.04
C GLY A 70 -14.82 -17.40 11.74
N GLN A 71 -13.75 -16.99 11.07
CA GLN A 71 -13.50 -15.59 10.78
C GLN A 71 -13.59 -15.36 9.29
N VAL A 72 -13.68 -14.09 8.92
CA VAL A 72 -13.69 -13.73 7.53
C VAL A 72 -12.58 -12.71 7.34
N ILE A 73 -12.07 -12.59 6.11
CA ILE A 73 -11.02 -11.64 5.82
C ILE A 73 -11.60 -10.24 5.73
N PRO A 74 -10.75 -9.21 5.76
CA PRO A 74 -11.33 -7.85 5.58
C PRO A 74 -11.83 -7.62 4.16
N ALA A 75 -12.84 -6.79 4.07
CA ALA A 75 -13.61 -6.56 2.83
C ALA A 75 -12.85 -5.84 1.72
N SER A 76 -11.88 -5.05 2.10
CA SER A 76 -11.18 -4.23 1.12
C SER A 76 -10.20 -5.00 0.19
N ILE A 77 -10.08 -6.31 0.37
CA ILE A 77 -9.06 -7.10 -0.28
C ILE A 77 -9.57 -7.76 -1.54
N VAL A 78 -10.79 -8.28 -1.47
CA VAL A 78 -11.44 -8.94 -2.60
C VAL A 78 -11.60 -7.89 -3.69
N PRO A 79 -11.20 -8.22 -4.95
CA PRO A 79 -11.35 -7.27 -6.05
C PRO A 79 -12.79 -6.92 -6.36
N ASN A 80 -12.99 -5.69 -6.77
CA ASN A 80 -14.33 -5.14 -6.99
C ASN A 80 -15.21 -6.02 -7.85
N PHE A 81 -14.68 -6.60 -8.93
CA PHE A 81 -15.55 -7.35 -9.84
C PHE A 81 -16.14 -8.55 -9.10
N ALA A 82 -15.37 -9.11 -8.16
CA ALA A 82 -15.81 -10.27 -7.42
C ALA A 82 -16.79 -9.86 -6.33
N VAL A 83 -16.56 -8.70 -5.72
CA VAL A 83 -17.54 -8.14 -4.77
C VAL A 83 -18.88 -8.02 -5.47
N ASP A 84 -18.89 -7.43 -6.65
CA ASP A 84 -20.10 -7.25 -7.45
C ASP A 84 -20.78 -8.58 -7.74
N TYR A 85 -20.01 -9.57 -8.17
CA TYR A 85 -20.60 -10.88 -8.45
C TYR A 85 -21.21 -11.49 -7.18
N LEU A 86 -20.47 -11.48 -6.09
CA LEU A 86 -20.95 -12.03 -4.82
C LEU A 86 -22.24 -11.34 -4.34
N LYS A 87 -22.27 -10.01 -4.43
CA LYS A 87 -23.46 -9.25 -4.02
C LYS A 87 -24.61 -9.57 -4.93
N ALA A 88 -24.37 -9.66 -6.24
CA ALA A 88 -25.45 -10.00 -7.17
C ALA A 88 -26.03 -11.38 -6.87
N HIS A 89 -25.29 -12.25 -6.19
CA HIS A 89 -25.76 -13.60 -5.93
C HIS A 89 -25.99 -13.87 -4.45
N ASN A 90 -26.14 -12.79 -3.66
CA ASN A 90 -26.45 -12.90 -2.25
C ASN A 90 -25.46 -13.78 -1.49
N PHE A 91 -24.21 -13.67 -1.87
CA PHE A 91 -23.14 -14.37 -1.21
C PHE A 91 -22.14 -13.43 -0.52
N ALA A 92 -22.34 -12.11 -0.57
CA ALA A 92 -21.40 -11.18 0.06
C ALA A 92 -21.58 -11.14 1.56
N ALA A 93 -22.84 -11.16 2.01
CA ALA A 93 -23.13 -10.96 3.43
C ALA A 93 -22.46 -11.97 4.34
N GLU A 94 -22.33 -13.23 3.90
CA GLU A 94 -21.76 -14.28 4.73
C GLU A 94 -20.21 -14.23 4.86
N GLY A 95 -19.54 -13.33 4.13
CA GLY A 95 -18.11 -13.15 4.24
C GLY A 95 -17.25 -14.12 3.44
N VAL A 96 -16.02 -13.67 3.16
CA VAL A 96 -15.04 -14.41 2.40
C VAL A 96 -14.02 -14.98 3.38
N THR A 97 -13.78 -16.29 3.34
CA THR A 97 -12.77 -16.90 4.22
C THR A 97 -11.41 -17.02 3.53
N LYS A 98 -11.39 -16.96 2.22
CA LYS A 98 -10.16 -17.08 1.48
C LYS A 98 -10.23 -16.45 0.12
N VAL A 99 -9.18 -15.75 -0.26
CA VAL A 99 -9.01 -15.23 -1.60
C VAL A 99 -7.62 -15.58 -2.10
N GLU A 100 -7.53 -15.97 -3.37
CA GLU A 100 -6.26 -16.28 -4.02
C GLU A 100 -6.19 -15.61 -5.38
N ARG A 101 -4.98 -15.22 -5.78
CA ARG A 101 -4.76 -14.76 -7.14
C ARG A 101 -3.43 -15.21 -7.69
N ASP A 102 -3.37 -15.24 -9.01
CA ASP A 102 -2.16 -15.60 -9.72
C ASP A 102 -2.36 -15.07 -11.13
N ARG A 103 -1.47 -15.45 -12.03
CA ARG A 103 -1.55 -15.01 -13.42
C ARG A 103 -2.82 -15.55 -14.13
N LYS A 104 -3.24 -16.77 -13.77
CA LYS A 104 -4.47 -17.38 -14.30
C LYS A 104 -5.77 -16.70 -13.84
N GLY A 105 -5.76 -15.99 -12.70
CA GLY A 105 -6.96 -15.30 -12.23
C GLY A 105 -7.15 -15.23 -10.72
N TYR A 106 -8.38 -15.47 -10.29
CA TYR A 106 -8.79 -15.25 -8.89
C TYR A 106 -9.70 -16.36 -8.40
N GLU A 107 -9.60 -16.63 -7.11
CA GLU A 107 -10.49 -17.58 -6.49
C GLU A 107 -10.94 -17.03 -5.12
N VAL A 108 -12.24 -17.09 -4.86
CA VAL A 108 -12.80 -16.69 -3.57
C VAL A 108 -13.54 -17.83 -2.94
N GLU A 109 -13.37 -18.00 -1.64
CA GLU A 109 -14.08 -19.02 -0.91
C GLU A 109 -14.88 -18.35 0.19
N LEU A 110 -16.05 -18.88 0.47
CA LEU A 110 -16.99 -18.31 1.40
C LEU A 110 -17.15 -19.15 2.62
N SER A 111 -17.68 -18.54 3.68
CA SER A 111 -17.87 -19.22 4.98
C SER A 111 -18.59 -20.56 4.84
N THR A 112 -19.64 -20.61 3.99
CA THR A 112 -20.38 -21.86 3.76
C THR A 112 -19.62 -22.96 2.98
N GLY A 113 -18.47 -22.66 2.37
CA GLY A 113 -17.73 -23.67 1.55
C GLY A 113 -17.83 -23.47 0.05
N VAL A 114 -18.76 -22.63 -0.40
CA VAL A 114 -18.93 -22.26 -1.79
C VAL A 114 -17.69 -21.49 -2.22
N SER A 115 -17.21 -21.75 -3.42
CA SER A 115 -16.12 -20.98 -3.97
C SER A 115 -16.32 -20.71 -5.42
N PHE A 116 -15.79 -19.60 -5.87
CA PHE A 116 -15.89 -19.18 -7.25
C PHE A 116 -14.53 -18.78 -7.77
N LYS A 117 -14.27 -19.20 -9.02
CA LYS A 117 -13.04 -18.88 -9.74
C LYS A 117 -13.39 -17.87 -10.80
N PHE A 118 -12.51 -16.91 -11.03
CA PHE A 118 -12.66 -15.94 -12.08
C PHE A 118 -11.36 -15.90 -12.89
N ASP A 119 -11.48 -15.69 -14.20
CA ASP A 119 -10.29 -15.63 -15.05
C ASP A 119 -9.66 -14.25 -14.89
N LYS A 120 -8.52 -14.07 -15.54
CA LYS A 120 -7.75 -12.82 -15.51
C LYS A 120 -8.63 -11.59 -15.81
N LYS A 121 -9.69 -11.78 -16.61
CA LYS A 121 -10.61 -10.71 -17.03
C LYS A 121 -11.80 -10.46 -16.09
N GLY A 122 -11.85 -11.18 -14.97
CA GLY A 122 -12.94 -11.02 -13.99
C GLY A 122 -14.28 -11.68 -14.36
N LYS A 123 -14.23 -12.72 -15.19
CA LYS A 123 -15.42 -13.46 -15.59
C LYS A 123 -15.38 -14.86 -15.01
N PHE A 124 -16.53 -15.38 -14.60
CA PHE A 124 -16.57 -16.71 -14.02
C PHE A 124 -15.93 -17.77 -14.92
N VAL A 125 -15.19 -18.68 -14.29
CA VAL A 125 -14.58 -19.82 -14.96
C VAL A 125 -14.68 -21.10 -14.10
N LYS A 126 -14.82 -22.25 -14.76
CA LYS A 126 -14.90 -23.56 -14.09
C LYS A 126 -13.48 -24.06 -13.79
N THR B 6 -13.36 20.36 -1.97
CA THR B 6 -13.72 18.97 -1.62
C THR B 6 -14.41 18.26 -2.80
N LYS B 7 -13.73 17.28 -3.40
CA LYS B 7 -14.28 16.49 -4.52
C LYS B 7 -13.63 15.08 -4.56
N ASP B 8 -13.75 14.37 -5.69
CA ASP B 8 -13.20 13.00 -5.80
C ASP B 8 -12.24 12.68 -6.95
N LEU B 12 -8.27 17.26 -9.28
CA LEU B 12 -6.87 17.65 -9.10
C LEU B 12 -6.16 17.83 -10.47
N PRO B 13 -5.13 18.69 -10.51
CA PRO B 13 -4.34 18.86 -11.73
C PRO B 13 -3.75 17.55 -12.24
N LEU B 14 -3.53 17.48 -13.56
CA LEU B 14 -3.06 16.25 -14.24
C LEU B 14 -1.85 15.63 -13.61
N PRO B 15 -0.82 16.44 -13.33
CA PRO B 15 0.39 15.86 -12.76
C PRO B 15 0.23 15.19 -11.39
N ALA B 16 -0.80 15.60 -10.63
CA ALA B 16 -1.09 15.05 -9.31
C ALA B 16 -1.82 13.71 -9.40
N ARG B 17 -2.80 13.64 -10.29
CA ARG B 17 -3.48 12.36 -10.50
C ARG B 17 -2.51 11.34 -11.10
N ASN B 18 -1.64 11.76 -12.02
CA ASN B 18 -0.59 10.87 -12.52
C ASN B 18 0.31 10.38 -11.40
N PHE B 19 0.65 11.28 -10.47
CA PHE B 19 1.54 10.91 -9.38
C PHE B 19 0.91 9.82 -8.49
N ILE B 20 -0.34 10.07 -8.09
CA ILE B 20 -1.09 9.14 -7.29
C ILE B 20 -1.22 7.78 -8.01
N ASN B 21 -1.63 7.80 -9.28
CA ASN B 21 -1.85 6.58 -10.06
C ASN B 21 -0.55 5.82 -10.37
N ARG B 22 0.55 6.54 -10.48
CA ARG B 22 1.85 5.94 -10.79
C ARG B 22 2.51 5.22 -9.58
N HIS B 23 2.37 5.78 -8.38
CA HIS B 23 3.13 5.32 -7.23
C HIS B 23 2.37 4.49 -6.20
N PHE B 24 1.03 4.58 -6.15
CA PHE B 24 0.25 3.90 -5.10
C PHE B 24 -0.55 2.70 -5.60
N THR B 25 -0.60 1.67 -4.76
CA THR B 25 -1.39 0.48 -5.06
C THR B 25 -2.83 0.74 -4.72
N LYS B 26 -3.70 0.47 -5.68
CA LYS B 26 -5.14 0.63 -5.48
C LYS B 26 -5.44 1.98 -4.84
N PRO B 27 -4.90 3.07 -5.41
CA PRO B 27 -5.19 4.33 -4.79
C PRO B 27 -6.68 4.65 -4.89
N GLU B 28 -7.28 5.02 -3.77
CA GLU B 28 -8.60 5.60 -3.73
C GLU B 28 -8.60 6.90 -2.88
N VAL B 29 -9.22 7.95 -3.39
CA VAL B 29 -9.25 9.24 -2.71
C VAL B 29 -10.34 9.27 -1.65
N SER B 30 -9.97 9.52 -0.40
CA SER B 30 -10.94 9.69 0.67
C SER B 30 -11.41 11.16 0.75
N HIS B 31 -10.48 12.11 0.65
CA HIS B 31 -10.87 13.54 0.55
C HIS B 31 -9.84 14.39 -0.17
N ILE B 32 -10.31 15.52 -0.69
CA ILE B 32 -9.45 16.55 -1.29
C ILE B 32 -9.88 17.89 -0.70
N LYS B 33 -8.95 18.61 -0.09
CA LYS B 33 -9.19 19.99 0.38
C LYS B 33 -8.41 20.92 -0.54
N ILE B 34 -9.10 21.86 -1.15
CA ILE B 34 -8.41 22.90 -1.94
C ILE B 34 -8.31 24.13 -1.04
N ASP B 35 -7.08 24.59 -0.84
CA ASP B 35 -6.77 25.71 0.02
C ASP B 35 -6.40 26.88 -0.89
N LYS B 36 -7.28 27.89 -0.95
CA LYS B 36 -6.99 29.14 -1.65
C LYS B 36 -6.75 30.26 -0.63
N GLU B 37 -5.81 30.02 0.27
CA GLU B 37 -5.49 30.93 1.37
C GLU B 37 -4.32 31.86 1.01
N LEU B 39 -2.72 33.83 -1.91
CA LEU B 39 -3.02 34.41 -3.24
C LEU B 39 -1.98 34.02 -4.31
N GLU B 40 -2.46 33.49 -5.44
CA GLU B 40 -1.65 32.85 -6.53
C GLU B 40 -1.30 31.39 -6.18
N ALA B 41 -0.61 31.20 -5.07
CA ALA B 41 -0.18 29.84 -4.65
C ALA B 41 -1.28 28.91 -4.00
N THR B 42 -2.32 28.56 -4.76
CA THR B 42 -3.32 27.54 -4.33
C THR B 42 -2.68 26.12 -4.05
N LYS B 43 -3.15 25.44 -3.01
CA LYS B 43 -2.64 24.13 -2.59
C LYS B 43 -3.74 23.04 -2.55
N TYR B 44 -3.35 21.78 -2.76
CA TYR B 44 -4.27 20.64 -2.67
C TYR B 44 -3.79 19.65 -1.64
N GLU B 45 -4.67 19.27 -0.72
CA GLU B 45 -4.39 18.32 0.34
C GLU B 45 -5.26 17.12 0.06
N VAL B 46 -4.62 15.96 -0.14
CA VAL B 46 -5.33 14.75 -0.49
C VAL B 46 -5.10 13.71 0.57
N LEU B 47 -6.18 13.13 1.08
CA LEU B 47 -6.11 11.97 1.96
C LEU B 47 -6.61 10.77 1.16
N LEU B 48 -5.77 9.73 1.03
CA LEU B 48 -6.17 8.46 0.40
C LEU B 48 -6.78 7.53 1.42
N THR B 49 -7.54 6.54 0.97
CA THR B 49 -8.19 5.60 1.89
CA THR B 49 -8.18 5.59 1.88
C THR B 49 -7.18 4.80 2.72
N ASP B 50 -5.95 4.63 2.22
CA ASP B 50 -4.91 3.95 3.02
C ASP B 50 -4.25 4.84 4.07
N GLY B 51 -4.73 6.08 4.20
CA GLY B 51 -4.23 7.00 5.21
C GLY B 51 -3.09 7.89 4.75
N THR B 52 -2.67 7.74 3.49
CA THR B 52 -1.62 8.59 2.95
C THR B 52 -2.18 10.01 2.78
N GLU B 53 -1.40 10.99 3.23
CA GLU B 53 -1.72 12.41 2.99
C GLU B 53 -0.69 12.96 2.01
N ILE B 54 -1.16 13.66 1.00
CA ILE B 54 -0.29 14.27 0.02
C ILE B 54 -0.69 15.72 -0.12
N GLU B 55 0.32 16.58 -0.19
CA GLU B 55 0.16 17.98 -0.41
C GLU B 55 0.76 18.29 -1.78
N PHE B 56 -0.01 18.94 -2.65
CA PHE B 56 0.45 19.34 -3.98
C PHE B 56 0.39 20.87 -4.12
N ASP B 57 1.27 21.43 -4.97
CA ASP B 57 1.16 22.85 -5.33
C ASP B 57 0.09 22.98 -6.42
N SER B 58 -0.12 24.22 -6.87
CA SER B 58 -1.18 24.58 -7.83
C SER B 58 -1.04 23.92 -9.20
N LYS B 59 0.17 23.51 -9.55
CA LYS B 59 0.46 22.81 -10.80
C LYS B 59 0.37 21.30 -10.65
N GLY B 60 0.22 20.82 -9.41
CA GLY B 60 0.07 19.39 -9.15
C GLY B 60 1.38 18.68 -8.88
N ASN B 61 2.42 19.46 -8.58
CA ASN B 61 3.68 18.88 -8.14
C ASN B 61 3.62 18.60 -6.66
N TRP B 62 3.95 17.36 -6.27
CA TRP B 62 3.89 17.03 -4.86
C TRP B 62 4.91 17.87 -4.12
N GLU B 63 4.54 18.25 -2.89
CA GLU B 63 5.43 18.93 -1.96
C GLU B 63 5.65 18.11 -0.70
N GLU B 64 4.66 17.33 -0.32
CA GLU B 64 4.79 16.45 0.84
C GLU B 64 3.97 15.16 0.66
N VAL B 65 4.54 14.06 1.09
CA VAL B 65 3.86 12.76 1.10
C VAL B 65 4.13 12.17 2.46
N SER B 66 3.09 11.80 3.18
CA SER B 66 3.28 11.20 4.49
C SER B 66 2.33 10.05 4.72
N ALA B 67 2.87 8.96 5.24
CA ALA B 67 2.13 7.76 5.44
C ALA B 67 1.52 7.77 6.82
N ARG B 68 0.39 7.09 6.95
CA ARG B 68 -0.24 6.82 8.23
C ARG B 68 0.72 6.00 9.10
N LYS B 69 0.64 6.17 10.41
CA LYS B 69 1.36 5.30 11.33
C LYS B 69 1.19 3.79 10.99
N GLY B 70 2.30 3.07 11.00
CA GLY B 70 2.31 1.66 10.62
C GLY B 70 2.59 1.43 9.14
N GLN B 71 2.55 2.50 8.34
CA GLN B 71 2.80 2.43 6.93
C GLN B 71 4.04 3.20 6.55
N VAL B 72 4.57 2.88 5.38
CA VAL B 72 5.69 3.61 4.81
C VAL B 72 5.26 4.00 3.44
N ILE B 73 5.83 5.07 2.91
CA ILE B 73 5.42 5.51 1.58
C ILE B 73 6.04 4.59 0.53
N PRO B 74 5.47 4.56 -0.69
CA PRO B 74 6.09 3.71 -1.72
C PRO B 74 7.50 4.19 -2.07
N ALA B 75 8.31 3.22 -2.47
CA ALA B 75 9.76 3.37 -2.66
C ALA B 75 10.17 4.23 -3.86
N SER B 76 9.30 4.30 -4.85
CA SER B 76 9.63 5.05 -6.04
C SER B 76 9.60 6.59 -5.92
N ILE B 77 9.27 7.13 -4.74
CA ILE B 77 9.01 8.56 -4.55
C ILE B 77 10.21 9.32 -4.04
N VAL B 78 10.91 8.69 -3.11
CA VAL B 78 12.12 9.24 -2.55
C VAL B 78 13.14 9.34 -3.67
N PRO B 79 13.77 10.50 -3.82
CA PRO B 79 14.75 10.66 -4.89
C PRO B 79 15.99 9.79 -4.72
N ASN B 80 16.54 9.36 -5.85
CA ASN B 80 17.64 8.41 -5.89
C ASN B 80 18.81 8.76 -5.00
N PHE B 81 19.19 10.02 -4.97
CA PHE B 81 20.36 10.42 -4.19
C PHE B 81 20.09 10.19 -2.69
N ALA B 82 18.84 10.30 -2.25
CA ALA B 82 18.48 10.03 -0.87
C ALA B 82 18.35 8.56 -0.59
N VAL B 83 17.84 7.79 -1.54
CA VAL B 83 17.86 6.32 -1.43
C VAL B 83 19.29 5.88 -1.17
N ASP B 84 20.21 6.35 -1.99
CA ASP B 84 21.61 5.99 -1.87
C ASP B 84 22.11 6.32 -0.47
N TYR B 85 21.79 7.52 0.01
CA TYR B 85 22.30 7.93 1.31
C TYR B 85 21.77 7.04 2.41
N LEU B 86 20.48 6.79 2.36
CA LEU B 86 19.86 5.89 3.31
C LEU B 86 20.47 4.49 3.32
N LYS B 87 20.70 3.94 2.14
CA LYS B 87 21.25 2.60 2.03
C LYS B 87 22.69 2.59 2.50
N ALA B 88 23.43 3.65 2.15
CA ALA B 88 24.82 3.79 2.59
C ALA B 88 24.92 3.89 4.13
N HIS B 89 23.81 4.18 4.82
CA HIS B 89 23.81 4.27 6.28
C HIS B 89 22.85 3.27 6.98
N ASN B 90 22.47 2.21 6.24
CA ASN B 90 21.63 1.13 6.75
C ASN B 90 20.31 1.60 7.34
N PHE B 91 19.70 2.60 6.71
CA PHE B 91 18.40 3.20 7.11
C PHE B 91 17.29 3.00 6.08
N ALA B 92 17.58 2.32 4.97
CA ALA B 92 16.58 2.11 3.92
C ALA B 92 15.58 1.03 4.30
N ALA B 93 16.06 -0.02 4.95
CA ALA B 93 15.20 -1.15 5.28
C ALA B 93 13.98 -0.81 6.10
N GLU B 94 14.09 0.15 7.03
CA GLU B 94 12.99 0.47 7.91
C GLU B 94 11.89 1.35 7.27
N GLY B 95 12.12 1.85 6.05
CA GLY B 95 11.14 2.64 5.33
C GLY B 95 11.06 4.12 5.67
N VAL B 96 10.49 4.89 4.75
CA VAL B 96 10.31 6.33 4.86
C VAL B 96 8.84 6.64 5.16
N THR B 97 8.59 7.38 6.24
CA THR B 97 7.21 7.73 6.62
C THR B 97 6.82 9.09 6.10
N LYS B 98 7.80 9.91 5.74
CA LYS B 98 7.50 11.22 5.19
C LYS B 98 8.60 11.80 4.33
N VAL B 99 8.22 12.41 3.23
CA VAL B 99 9.15 13.08 2.38
C VAL B 99 8.55 14.46 2.05
N GLU B 100 9.41 15.48 2.05
CA GLU B 100 9.04 16.84 1.70
C GLU B 100 10.06 17.44 0.75
N ARG B 101 9.60 18.30 -0.15
CA ARG B 101 10.49 19.06 -0.99
C ARG B 101 9.96 20.46 -1.26
N ASP B 102 10.89 21.31 -1.66
CA ASP B 102 10.58 22.66 -2.10
C ASP B 102 11.80 23.09 -2.92
N ARG B 103 11.87 24.37 -3.27
CA ARG B 103 13.02 24.88 -4.00
C ARG B 103 14.34 24.81 -3.18
N LYS B 104 14.27 24.94 -1.85
CA LYS B 104 15.46 24.81 -0.96
C LYS B 104 16.03 23.39 -0.85
N GLY B 105 15.22 22.36 -1.15
CA GLY B 105 15.72 20.99 -1.13
C GLY B 105 14.72 19.92 -0.68
N TYR B 106 15.22 18.95 0.09
CA TYR B 106 14.44 17.75 0.44
C TYR B 106 14.59 17.38 1.88
N GLU B 107 13.55 16.79 2.43
CA GLU B 107 13.62 16.23 3.76
C GLU B 107 12.95 14.83 3.77
N VAL B 108 13.62 13.86 4.36
CA VAL B 108 13.07 12.50 4.56
C VAL B 108 12.99 12.17 6.02
N GLU B 109 11.89 11.56 6.43
CA GLU B 109 11.73 11.09 7.80
C GLU B 109 11.49 9.59 7.77
N LEU B 110 12.02 8.89 8.74
CA LEU B 110 11.98 7.44 8.82
C LEU B 110 11.04 6.98 9.90
N SER B 111 10.63 5.70 9.82
CA SER B 111 9.73 5.06 10.79
C SER B 111 10.15 5.33 12.20
N THR B 112 11.45 5.24 12.49
CA THR B 112 11.95 5.50 13.86
C THR B 112 11.90 6.95 14.33
N GLY B 113 11.71 7.93 13.44
CA GLY B 113 11.78 9.38 13.83
C GLY B 113 13.04 10.13 13.36
N VAL B 114 14.03 9.39 12.87
CA VAL B 114 15.25 9.96 12.28
C VAL B 114 14.86 10.67 10.99
N SER B 115 15.42 11.85 10.77
CA SER B 115 15.19 12.55 9.53
C SER B 115 16.42 13.20 9.01
N PHE B 116 16.50 13.30 7.68
CA PHE B 116 17.63 13.88 7.01
C PHE B 116 17.18 14.89 5.98
N LYS B 117 17.92 16.01 5.92
CA LYS B 117 17.66 17.09 4.98
C LYS B 117 18.75 17.05 3.92
N PHE B 118 18.39 17.37 2.68
CA PHE B 118 19.32 17.46 1.57
C PHE B 118 19.07 18.79 0.82
N ASP B 119 20.14 19.42 0.34
CA ASP B 119 20.00 20.68 -0.38
C ASP B 119 19.56 20.37 -1.80
N LYS B 120 19.31 21.43 -2.57
CA LYS B 120 18.86 21.33 -3.96
C LYS B 120 19.73 20.38 -4.81
N LYS B 121 21.02 20.28 -4.45
CA LYS B 121 21.99 19.43 -5.17
C LYS B 121 22.08 17.98 -4.66
N GLY B 122 21.25 17.62 -3.69
CA GLY B 122 21.24 16.25 -3.15
C GLY B 122 22.35 15.90 -2.17
N LYS B 123 22.91 16.92 -1.51
CA LYS B 123 23.97 16.73 -0.53
C LYS B 123 23.39 16.99 0.86
N PHE B 124 23.82 16.22 1.85
CA PHE B 124 23.31 16.40 3.20
C PHE B 124 23.50 17.84 3.67
N VAL B 125 22.49 18.35 4.36
CA VAL B 125 22.57 19.67 4.97
C VAL B 125 22.00 19.59 6.39
N LYS B 126 22.69 20.24 7.31
CA LYS B 126 22.38 20.24 8.72
C LYS B 126 20.92 20.66 8.99
N ALA B 127 20.36 20.16 10.09
CA ALA B 127 19.04 20.56 10.57
C ALA B 127 19.18 21.75 11.52
#